data_1NRJ
#
_entry.id   1NRJ
#
_cell.length_a   78.200
_cell.length_b   123.700
_cell.length_c   48.800
_cell.angle_alpha   90.00
_cell.angle_beta   90.00
_cell.angle_gamma   90.00
#
_symmetry.space_group_name_H-M   'P 21 21 2'
#
loop_
_entity.id
_entity.type
_entity.pdbx_description
1 polymer 'Signal recognition particle receptor alpha subunit homolog'
2 polymer 'Signal recognition particle receptor beta subunit'
3 non-polymer 'MAGNESIUM ION'
4 non-polymer "GUANOSINE-5'-TRIPHOSPHATE"
5 non-polymer 1,2-ETHANEDIOL
6 water water
#
loop_
_entity_poly.entity_id
_entity_poly.type
_entity_poly.pdbx_seq_one_letter_code
_entity_poly.pdbx_strand_id
1 'polypeptide(L)'
;MFDQLAVFTPQGQVLYQYNCLGKKFSEIQINSFISQLITSPVTRKESVANANTDGFDFNLLTINSEHKNSPSFNALFYLN
KQPELYFVVTFAEQTLELNQETQQTLALVLKLWNSLHLSESILKNRQGQNEKNKHNYVDILQGIEDDLKKFEQYFRIK
;
A
2 'polypeptide(L)'
;GSHMGIKQKSYQPSIIIAGPQNSGKTSLLTLLTTDSVRPTVVSQEPLSAADYDGSGVTLVDFPGHVKLRYKLSDYLKTRA
KFVKGLIFMVDSTVDPKKLTTTAEFLVDILSITESSCENGIDILIACNKSELFTARPPSKIKDALESEIQKVIERRKKSL
NEVERKINEEDYAENTLDVLQSTDGFKFANLEASVVAFEGSINKRKISQWREWIDEKL
;
B
#
# COMPACT_ATOMS: atom_id res chain seq x y z
N MET A 1 -16.44 -24.51 -10.86
CA MET A 1 -15.73 -23.30 -11.33
C MET A 1 -15.22 -22.52 -10.09
N PHE A 2 -14.16 -21.74 -10.29
CA PHE A 2 -13.67 -20.82 -9.25
C PHE A 2 -14.15 -19.40 -9.50
N ASP A 3 -13.73 -18.47 -8.66
CA ASP A 3 -14.26 -17.12 -8.68
C ASP A 3 -13.25 -16.18 -9.35
N GLN A 4 -12.16 -15.85 -8.64
CA GLN A 4 -11.09 -14.98 -9.20
C GLN A 4 -9.68 -15.57 -9.04
N LEU A 5 -8.78 -15.07 -9.90
CA LEU A 5 -7.35 -15.35 -9.86
C LEU A 5 -6.63 -13.99 -9.74
N ALA A 6 -5.65 -13.88 -8.85
CA ALA A 6 -4.84 -12.67 -8.79
C ALA A 6 -3.39 -12.98 -8.50
N VAL A 7 -2.49 -12.23 -9.15
CA VAL A 7 -1.05 -12.26 -8.91
C VAL A 7 -0.55 -10.84 -8.53
N PHE A 8 0.05 -10.70 -7.36
CA PHE A 8 0.45 -9.36 -6.81
C PHE A 8 1.69 -9.41 -5.89
N THR A 9 2.42 -8.28 -5.75
CA THR A 9 3.57 -8.19 -4.86
C THR A 9 3.17 -7.89 -3.41
N PRO A 10 4.02 -8.14 -2.39
CA PRO A 10 3.69 -7.80 -0.99
C PRO A 10 3.36 -6.30 -0.86
N GLN A 11 3.83 -5.48 -1.79
CA GLN A 11 3.49 -4.02 -1.79
C GLN A 11 2.11 -3.65 -2.34
N GLY A 12 1.38 -4.63 -2.85
CA GLY A 12 0.08 -4.38 -3.45
C GLY A 12 0.02 -4.02 -4.93
N GLN A 13 1.11 -4.18 -5.68
CA GLN A 13 1.07 -3.94 -7.11
C GLN A 13 0.57 -5.19 -7.85
N VAL A 14 -0.44 -5.05 -8.67
CA VAL A 14 -1.08 -6.21 -9.32
C VAL A 14 -0.38 -6.49 -10.67
N LEU A 15 0.14 -7.71 -10.86
CA LEU A 15 0.72 -8.19 -12.15
C LEU A 15 -0.32 -8.81 -13.11
N TYR A 16 -1.32 -9.48 -12.55
CA TYR A 16 -2.37 -10.13 -13.34
C TYR A 16 -3.65 -10.32 -12.51
N GLN A 17 -4.80 -10.10 -13.15
CA GLN A 17 -6.09 -10.43 -12.55
C GLN A 17 -7.09 -11.01 -13.58
N TYR A 18 -7.94 -11.91 -13.10
CA TYR A 18 -8.93 -12.60 -13.93
C TYR A 18 -10.21 -12.90 -13.13
N ASN A 19 -11.36 -12.51 -13.68
CA ASN A 19 -12.68 -12.85 -13.10
C ASN A 19 -13.36 -13.86 -14.03
N CYS A 20 -13.74 -15.02 -13.49
CA CYS A 20 -14.26 -16.12 -14.32
C CYS A 20 -15.56 -15.83 -15.07
N LEU A 21 -16.43 -14.99 -14.51
CA LEU A 21 -17.72 -14.68 -15.17
C LEU A 21 -17.65 -13.42 -16.06
N GLY A 22 -16.44 -13.01 -16.48
CA GLY A 22 -16.26 -11.79 -17.24
C GLY A 22 -16.62 -10.50 -16.51
N LYS A 23 -17.00 -10.61 -15.23
CA LYS A 23 -17.43 -9.46 -14.42
C LYS A 23 -16.25 -8.53 -14.13
N LYS A 24 -16.58 -7.26 -13.89
CA LYS A 24 -15.59 -6.29 -13.45
C LYS A 24 -14.84 -6.88 -12.28
N PHE A 25 -13.51 -6.79 -12.29
CA PHE A 25 -12.71 -7.41 -11.23
C PHE A 25 -12.95 -6.73 -9.87
N SER A 26 -13.07 -7.55 -8.82
CA SER A 26 -13.34 -7.07 -7.47
C SER A 26 -12.07 -7.04 -6.65
N GLU A 27 -11.50 -5.85 -6.51
CA GLU A 27 -10.37 -5.65 -5.60
C GLU A 27 -10.84 -5.83 -4.16
N ILE A 28 -12.10 -5.46 -3.89
CA ILE A 28 -12.65 -5.60 -2.53
C ILE A 28 -12.52 -7.05 -2.01
N GLN A 29 -12.76 -8.04 -2.87
CA GLN A 29 -12.63 -9.43 -2.43
C GLN A 29 -11.19 -9.79 -2.07
N ILE A 30 -10.24 -9.40 -2.93
CA ILE A 30 -8.86 -9.71 -2.65
C ILE A 30 -8.40 -8.98 -1.38
N ASN A 31 -8.83 -7.75 -1.21
CA ASN A 31 -8.46 -6.96 -0.04
C ASN A 31 -9.01 -7.53 1.31
N SER A 32 -10.19 -8.10 1.31
CA SER A 32 -10.74 -8.78 2.50
C SER A 32 -9.87 -9.99 2.87
N PHE A 33 -9.36 -10.73 1.85
CA PHE A 33 -8.38 -11.83 2.06
C PHE A 33 -7.09 -11.34 2.69
N ILE A 34 -6.49 -10.29 2.08
CA ILE A 34 -5.21 -9.78 2.55
C ILE A 34 -5.31 -9.26 4.00
N SER A 35 -6.34 -8.46 4.28
CA SER A 35 -6.49 -7.86 5.60
C SER A 35 -6.70 -8.92 6.70
N GLN A 36 -7.45 -10.00 6.38
CA GLN A 36 -7.56 -11.20 7.23
C GLN A 36 -6.23 -11.89 7.43
N LEU A 37 -5.42 -12.01 6.38
CA LEU A 37 -4.11 -12.63 6.50
C LEU A 37 -3.17 -11.84 7.43
N ILE A 38 -3.23 -10.49 7.39
CA ILE A 38 -2.42 -9.68 8.26
C ILE A 38 -2.80 -9.86 9.71
N THR A 39 -4.10 -9.88 9.98
CA THR A 39 -4.65 -10.06 11.30
C THR A 39 -4.45 -11.48 11.87
N SER A 40 -4.46 -12.50 11.01
CA SER A 40 -4.35 -13.91 11.44
C SER A 40 -3.36 -14.72 10.58
N PRO A 41 -2.07 -14.65 10.95
CA PRO A 41 -1.00 -15.31 10.20
C PRO A 41 -1.17 -16.80 10.22
N VAL A 42 -0.62 -17.49 9.24
CA VAL A 42 -0.89 -18.92 9.09
C VAL A 42 -0.18 -19.78 10.11
N THR A 43 -0.78 -20.95 10.33
CA THR A 43 -0.24 -21.99 11.18
C THR A 43 -0.30 -23.28 10.36
N ARG A 44 0.09 -24.38 11.00
CA ARG A 44 0.02 -25.73 10.44
C ARG A 44 -1.42 -26.04 9.93
N LYS A 45 -2.43 -25.60 10.68
CA LYS A 45 -3.82 -25.86 10.33
C LYS A 45 -4.29 -25.43 8.90
N GLU A 46 -3.78 -24.30 8.38
CA GLU A 46 -4.14 -23.82 7.05
C GLU A 46 -3.38 -24.49 5.88
N SER A 47 -2.35 -25.28 6.19
CA SER A 47 -1.47 -25.89 5.18
C SER A 47 -2.15 -26.90 4.26
N VAL A 48 -1.85 -26.84 2.96
CA VAL A 48 -2.34 -27.81 1.97
C VAL A 48 -1.21 -28.20 1.00
N ALA A 49 -0.67 -29.39 1.16
CA ALA A 49 0.33 -29.87 0.23
C ALA A 49 -0.02 -31.34 -0.01
N ASN A 50 -0.42 -31.63 -1.25
CA ASN A 50 -0.87 -32.98 -1.63
C ASN A 50 -0.55 -33.20 -3.10
N ALA A 51 -1.07 -34.30 -3.67
CA ALA A 51 -0.83 -34.59 -5.07
C ALA A 51 -1.39 -33.48 -5.97
N ASN A 52 -2.58 -32.96 -5.65
CA ASN A 52 -3.26 -31.95 -6.51
C ASN A 52 -2.50 -30.56 -6.59
N THR A 53 -1.57 -30.35 -5.66
CA THR A 53 -0.74 -29.13 -5.76
C THR A 53 0.56 -29.26 -6.51
N ASP A 54 0.87 -30.41 -7.12
CA ASP A 54 2.11 -30.57 -7.88
C ASP A 54 3.33 -30.32 -6.94
N GLY A 55 3.15 -30.63 -5.65
CA GLY A 55 4.28 -30.65 -4.70
C GLY A 55 4.63 -29.26 -4.22
N PHE A 56 3.88 -28.29 -4.71
CA PHE A 56 3.95 -26.93 -4.15
C PHE A 56 3.24 -26.91 -2.79
N ASP A 57 3.71 -26.04 -1.88
CA ASP A 57 2.98 -25.83 -0.61
C ASP A 57 2.03 -24.64 -0.76
N PHE A 58 0.74 -24.91 -0.55
CA PHE A 58 -0.29 -23.86 -0.47
C PHE A 58 -0.86 -23.67 0.95
N ASN A 59 -1.65 -22.60 1.15
CA ASN A 59 -2.37 -22.34 2.39
C ASN A 59 -3.82 -21.95 2.04
N LEU A 60 -4.79 -22.27 2.91
CA LEU A 60 -6.21 -22.08 2.56
C LEU A 60 -6.96 -21.44 3.71
N LEU A 61 -7.62 -20.29 3.47
CA LEU A 61 -8.33 -19.49 4.49
C LEU A 61 -9.79 -19.37 4.10
N THR A 62 -10.67 -19.31 5.10
CA THR A 62 -12.08 -18.99 4.88
C THR A 62 -12.36 -17.57 5.45
N ILE A 63 -12.89 -16.69 4.60
CA ILE A 63 -13.12 -15.26 4.91
C ILE A 63 -14.63 -15.05 5.07
N ASN A 64 -15.14 -14.76 6.28
CA ASN A 64 -16.62 -14.83 6.54
C ASN A 64 -17.43 -13.54 6.31
N PHE A 73 -16.47 -16.60 1.47
CA PHE A 73 -15.65 -17.23 0.43
C PHE A 73 -14.35 -17.85 0.94
N ASN A 74 -13.70 -18.63 0.07
CA ASN A 74 -12.43 -19.27 0.37
C ASN A 74 -11.30 -18.68 -0.47
N ALA A 75 -10.09 -18.68 0.06
CA ALA A 75 -8.90 -18.25 -0.67
C ALA A 75 -7.74 -19.23 -0.50
N LEU A 76 -7.38 -19.93 -1.65
CA LEU A 76 -6.21 -20.81 -1.69
C LEU A 76 -5.04 -20.00 -2.32
N PHE A 77 -3.91 -19.89 -1.63
CA PHE A 77 -2.74 -19.14 -2.15
C PHE A 77 -1.36 -19.78 -1.99
N TYR A 78 -0.45 -19.38 -2.89
CA TYR A 78 0.98 -19.70 -2.84
C TYR A 78 1.80 -18.41 -2.67
N LEU A 79 2.84 -18.46 -1.83
CA LEU A 79 3.76 -17.32 -1.67
C LEU A 79 5.11 -17.71 -2.31
N ASN A 80 5.38 -17.20 -3.51
CA ASN A 80 6.70 -17.34 -4.14
C ASN A 80 7.78 -16.57 -3.37
N LYS A 81 9.00 -17.11 -3.32
CA LYS A 81 10.09 -16.55 -2.49
C LYS A 81 11.05 -15.59 -3.23
N GLN A 82 11.36 -15.93 -4.49
CA GLN A 82 12.28 -15.17 -5.34
C GLN A 82 11.71 -15.01 -6.76
N PRO A 83 11.10 -13.85 -7.09
CA PRO A 83 10.84 -12.76 -6.15
C PRO A 83 9.56 -13.01 -5.36
N GLU A 84 9.31 -12.13 -4.40
CA GLU A 84 8.15 -12.20 -3.49
C GLU A 84 6.89 -11.89 -4.27
N LEU A 85 6.02 -12.89 -4.40
CA LEU A 85 4.79 -12.78 -5.17
C LEU A 85 3.71 -13.68 -4.54
N TYR A 86 2.49 -13.15 -4.44
CA TYR A 86 1.28 -13.87 -4.07
C TYR A 86 0.50 -14.29 -5.31
N PHE A 87 0.09 -15.58 -5.35
CA PHE A 87 -0.81 -16.15 -6.37
C PHE A 87 -2.02 -16.71 -5.61
N VAL A 88 -3.20 -16.17 -5.87
CA VAL A 88 -4.42 -16.53 -5.10
C VAL A 88 -5.60 -16.89 -6.02
N VAL A 89 -6.28 -18.00 -5.67
CA VAL A 89 -7.53 -18.41 -6.30
C VAL A 89 -8.66 -18.35 -5.24
N THR A 90 -9.73 -17.62 -5.56
CA THR A 90 -10.92 -17.58 -4.68
C THR A 90 -12.09 -18.42 -5.18
N PHE A 91 -12.92 -18.93 -4.25
CA PHE A 91 -14.08 -19.73 -4.62
C PHE A 91 -15.11 -19.80 -3.49
N ALA A 92 -16.22 -20.51 -3.74
CA ALA A 92 -17.34 -20.52 -2.80
C ALA A 92 -17.15 -21.59 -1.72
N GLU A 93 -18.26 -22.14 -1.24
CA GLU A 93 -18.24 -23.01 -0.09
C GLU A 93 -17.45 -24.24 -0.55
N GLN A 94 -16.64 -24.78 0.34
CA GLN A 94 -15.83 -25.98 0.05
C GLN A 94 -16.70 -27.25 -0.19
N THR A 95 -16.27 -28.00 -1.20
CA THR A 95 -16.71 -29.40 -1.40
C THR A 95 -15.45 -30.18 -1.77
N LEU A 96 -15.55 -31.50 -1.88
CA LEU A 96 -14.43 -32.32 -2.32
C LEU A 96 -13.96 -31.89 -3.71
N GLU A 97 -14.99 -31.74 -4.60
CA GLU A 97 -14.80 -31.47 -6.01
C GLU A 97 -14.15 -30.11 -6.24
N LEU A 98 -14.57 -29.08 -5.50
CA LEU A 98 -14.07 -27.71 -5.68
C LEU A 98 -12.69 -27.52 -5.07
N ASN A 99 -12.42 -28.12 -3.92
CA ASN A 99 -11.05 -28.11 -3.43
C ASN A 99 -10.06 -28.84 -4.44
N GLN A 100 -10.51 -29.83 -5.22
CA GLN A 100 -9.65 -30.45 -6.24
C GLN A 100 -9.45 -29.51 -7.41
N GLU A 101 -10.54 -28.96 -7.97
CA GLU A 101 -10.49 -28.05 -9.11
C GLU A 101 -9.56 -26.89 -8.83
N THR A 102 -9.72 -26.27 -7.65
CA THR A 102 -8.93 -25.08 -7.32
C THR A 102 -7.46 -25.40 -7.12
N GLN A 103 -7.20 -26.53 -6.46
CA GLN A 103 -5.83 -26.93 -6.20
C GLN A 103 -5.11 -27.25 -7.52
N GLN A 104 -5.78 -27.96 -8.42
CA GLN A 104 -5.17 -28.20 -9.74
C GLN A 104 -5.06 -26.95 -10.61
N THR A 105 -6.01 -26.00 -10.48
CA THR A 105 -5.95 -24.74 -11.22
C THR A 105 -4.72 -23.92 -10.78
N LEU A 106 -4.46 -23.83 -9.48
CA LEU A 106 -3.32 -23.03 -8.97
C LEU A 106 -1.96 -23.66 -9.37
N ALA A 107 -1.87 -24.98 -9.36
CA ALA A 107 -0.58 -25.68 -9.65
C ALA A 107 -0.27 -25.48 -11.12
N LEU A 108 -1.34 -25.40 -11.90
CA LEU A 108 -1.24 -25.21 -13.34
C LEU A 108 -0.73 -23.82 -13.67
N VAL A 109 -1.32 -22.81 -13.03
CA VAL A 109 -0.91 -21.43 -13.18
C VAL A 109 0.58 -21.26 -12.90
N LEU A 110 1.08 -21.91 -11.84
CA LEU A 110 2.47 -21.76 -11.45
C LEU A 110 3.40 -22.42 -12.46
N LYS A 111 2.99 -23.59 -12.94
CA LYS A 111 3.80 -24.31 -13.91
C LYS A 111 3.87 -23.51 -15.19
N LEU A 112 2.75 -22.95 -15.62
CA LEU A 112 2.73 -22.08 -16.78
C LEU A 112 3.56 -20.78 -16.58
N TRP A 113 3.43 -20.14 -15.40
CA TRP A 113 4.23 -18.95 -15.04
C TRP A 113 5.72 -19.24 -15.16
N ASN A 114 6.15 -20.40 -14.62
CA ASN A 114 7.57 -20.75 -14.52
C ASN A 114 8.16 -21.23 -15.84
N SER A 115 7.25 -21.66 -16.71
CA SER A 115 7.60 -22.08 -18.07
C SER A 115 7.92 -20.84 -18.93
N LEU A 116 7.38 -19.67 -18.54
CA LEU A 116 7.55 -18.40 -19.25
C LEU A 116 8.60 -17.49 -18.57
N HIS A 117 9.29 -18.09 -17.60
CA HIS A 117 10.47 -17.52 -16.95
C HIS A 117 10.19 -16.10 -16.50
N LEU A 118 8.98 -15.93 -15.97
CA LEU A 118 8.57 -14.62 -15.51
C LEU A 118 9.26 -14.23 -14.22
N SER A 119 9.45 -15.16 -13.29
CA SER A 119 10.10 -14.84 -12.03
C SER A 119 11.56 -14.45 -12.23
N GLU A 120 12.24 -15.21 -13.07
CA GLU A 120 13.64 -14.97 -13.44
C GLU A 120 13.83 -13.62 -14.11
N SER A 121 12.96 -13.28 -15.04
CA SER A 121 12.99 -11.97 -15.69
C SER A 121 12.87 -10.78 -14.73
N ILE A 122 11.99 -10.92 -13.74
CA ILE A 122 11.78 -9.81 -12.80
C ILE A 122 13.04 -9.58 -12.02
N LEU A 123 13.69 -10.66 -11.60
CA LEU A 123 14.93 -10.57 -10.85
C LEU A 123 16.06 -9.96 -11.70
N LYS A 124 16.15 -10.35 -12.97
CA LYS A 124 17.16 -9.81 -13.90
C LYS A 124 16.97 -8.31 -14.14
N ASN A 125 15.72 -7.86 -14.30
CA ASN A 125 15.43 -6.46 -14.62
C ASN A 125 15.78 -5.49 -13.49
N ARG A 126 15.91 -6.02 -12.27
CA ARG A 126 16.25 -5.24 -11.08
C ARG A 126 17.73 -4.95 -10.97
N GLN A 127 18.54 -5.60 -11.81
CA GLN A 127 20.00 -5.49 -11.73
C GLN A 127 20.50 -4.35 -12.63
N GLY A 128 21.27 -3.43 -12.04
CA GLY A 128 21.84 -2.30 -12.77
C GLY A 128 20.87 -1.23 -13.28
N GLN A 129 21.35 -0.47 -14.27
CA GLN A 129 20.66 0.71 -14.80
C GLN A 129 19.87 0.50 -16.08
N ASN A 130 20.09 -0.62 -16.78
CA ASN A 130 19.66 -0.74 -18.17
C ASN A 130 18.13 -0.74 -18.34
N GLU A 131 17.40 -1.23 -17.36
CA GLU A 131 15.93 -1.19 -17.49
C GLU A 131 15.27 -0.02 -16.76
N LYS A 132 16.06 0.91 -16.21
CA LYS A 132 15.46 2.07 -15.53
C LYS A 132 14.72 3.02 -16.49
N ASN A 133 13.62 3.59 -16.00
CA ASN A 133 12.76 4.46 -16.83
C ASN A 133 13.14 5.93 -16.66
N LYS A 134 12.38 6.89 -17.22
CA LYS A 134 12.78 8.29 -17.08
C LYS A 134 12.81 8.93 -15.70
N HIS A 135 12.16 8.29 -14.73
CA HIS A 135 12.29 8.66 -13.31
C HIS A 135 13.38 7.93 -12.54
N ASN A 136 14.32 7.29 -13.27
CA ASN A 136 15.41 6.51 -12.64
C ASN A 136 14.92 5.29 -11.85
N TYR A 137 13.81 4.73 -12.30
CA TYR A 137 13.08 3.68 -11.57
C TYR A 137 12.94 2.35 -12.39
N VAL A 138 13.12 1.23 -11.70
CA VAL A 138 12.75 -0.07 -12.24
C VAL A 138 11.30 -0.45 -11.95
N ASP A 139 10.47 -0.33 -12.97
CA ASP A 139 9.01 -0.61 -12.95
C ASP A 139 8.87 -2.16 -13.05
N ILE A 140 8.19 -2.81 -12.11
CA ILE A 140 8.13 -4.29 -12.17
C ILE A 140 7.48 -4.86 -13.46
N LEU A 141 6.58 -4.13 -14.07
CA LEU A 141 6.09 -4.51 -15.42
C LEU A 141 7.11 -4.20 -16.55
N GLN A 142 8.35 -3.86 -16.18
CA GLN A 142 9.38 -3.49 -17.15
C GLN A 142 9.85 -4.71 -17.87
N GLY A 143 9.62 -4.74 -19.18
CA GLY A 143 10.20 -5.75 -20.03
C GLY A 143 9.69 -7.15 -19.80
N ILE A 144 8.63 -7.31 -19.00
CA ILE A 144 7.89 -8.58 -18.94
C ILE A 144 6.50 -8.44 -19.56
N GLU A 145 6.25 -7.30 -20.20
CA GLU A 145 4.94 -6.99 -20.78
C GLU A 145 4.46 -8.02 -21.80
N ASP A 146 5.37 -8.46 -22.69
CA ASP A 146 5.02 -9.46 -23.71
C ASP A 146 4.84 -10.86 -23.14
N ASP A 147 5.71 -11.28 -22.22
CA ASP A 147 5.52 -12.55 -21.53
C ASP A 147 4.16 -12.63 -20.78
N LEU A 148 3.72 -11.49 -20.23
CA LEU A 148 2.44 -11.41 -19.49
C LEU A 148 1.24 -11.58 -20.42
N LYS A 149 1.28 -10.99 -21.61
CA LYS A 149 0.16 -11.08 -22.56
C LYS A 149 0.02 -12.52 -23.09
N LYS A 150 1.13 -13.25 -23.11
CA LYS A 150 1.15 -14.68 -23.46
C LYS A 150 0.54 -15.52 -22.34
N PHE A 151 0.85 -15.16 -21.10
CA PHE A 151 0.24 -15.77 -19.92
C PHE A 151 -1.29 -15.55 -19.94
N GLU A 152 -1.70 -14.33 -20.29
CA GLU A 152 -3.10 -13.93 -20.52
C GLU A 152 -3.76 -14.86 -21.52
N GLN A 153 -3.04 -15.15 -22.60
CA GLN A 153 -3.62 -15.78 -23.78
C GLN A 153 -3.76 -17.29 -23.62
N TYR A 154 -3.37 -17.81 -22.46
CA TYR A 154 -3.64 -19.20 -22.08
C TYR A 154 -4.71 -19.20 -20.98
N PHE A 155 -5.79 -18.45 -21.19
CA PHE A 155 -6.89 -18.35 -20.22
C PHE A 155 -8.19 -17.97 -20.93
N SER B 10 25.26 7.68 8.40
CA SER B 10 24.51 8.47 7.36
C SER B 10 23.40 7.70 6.58
N TYR B 11 22.28 8.35 6.28
CA TYR B 11 21.35 7.73 5.35
C TYR B 11 21.10 8.67 4.18
N GLN B 12 20.54 8.12 3.10
CA GLN B 12 19.99 8.90 1.96
C GLN B 12 18.81 9.74 2.39
N PRO B 13 18.70 10.96 1.91
CA PRO B 13 17.52 11.73 2.21
C PRO B 13 16.33 10.98 1.71
N SER B 14 15.17 11.18 2.37
CA SER B 14 13.96 10.58 1.93
C SER B 14 12.65 11.46 2.12
N ILE B 15 11.60 11.14 1.37
CA ILE B 15 10.28 11.64 1.62
C ILE B 15 9.28 10.44 1.81
N ILE B 16 8.48 10.50 2.86
CA ILE B 16 7.64 9.37 3.38
C ILE B 16 6.17 9.65 2.93
N ILE B 17 5.46 8.63 2.47
CA ILE B 17 4.02 8.66 2.21
C ILE B 17 3.38 7.66 3.21
N ALA B 18 2.45 8.22 4.06
CA ALA B 18 1.80 7.52 5.12
C ALA B 18 0.32 7.89 5.17
N GLY B 19 -0.47 7.15 5.95
CA GLY B 19 -1.88 7.43 6.21
C GLY B 19 -2.76 6.20 6.17
N PRO B 20 -4.07 6.34 6.46
CA PRO B 20 -4.96 5.19 6.60
C PRO B 20 -5.07 4.30 5.36
N GLN B 21 -5.52 3.07 5.58
CA GLN B 21 -5.82 2.20 4.47
C GLN B 21 -6.84 2.85 3.55
N ASN B 22 -6.74 2.56 2.27
CA ASN B 22 -7.69 2.97 1.24
C ASN B 22 -7.55 4.42 0.76
N SER B 23 -6.53 5.11 1.27
CA SER B 23 -6.33 6.56 0.95
C SER B 23 -5.75 6.85 -0.42
N GLY B 24 -4.89 5.98 -0.93
CA GLY B 24 -4.25 6.09 -2.20
C GLY B 24 -2.72 6.16 -2.26
N LYS B 25 -2.06 5.71 -1.17
CA LYS B 25 -0.58 5.85 -1.04
C LYS B 25 0.14 5.06 -2.12
N THR B 26 -0.17 3.79 -2.29
CA THR B 26 0.52 2.99 -3.36
C THR B 26 0.19 3.49 -4.75
N SER B 27 -1.04 3.94 -4.92
CA SER B 27 -1.49 4.62 -6.16
C SER B 27 -0.65 5.90 -6.50
N LEU B 28 -0.38 6.71 -5.49
CA LEU B 28 0.44 7.93 -5.73
C LEU B 28 1.87 7.49 -6.12
N LEU B 29 2.49 6.56 -5.34
CA LEU B 29 3.89 6.22 -5.69
C LEU B 29 3.99 5.62 -7.10
N THR B 30 3.00 4.81 -7.50
CA THR B 30 2.88 4.29 -8.86
C THR B 30 2.78 5.41 -9.95
N LEU B 31 1.93 6.41 -9.72
CA LEU B 31 1.80 7.55 -10.63
C LEU B 31 3.12 8.35 -10.77
N LEU B 32 3.76 8.61 -9.63
CA LEU B 32 4.98 9.43 -9.60
C LEU B 32 6.09 8.73 -10.37
N THR B 33 6.12 7.40 -10.28
CA THR B 33 7.26 6.64 -10.81
C THR B 33 7.03 6.07 -12.22
N THR B 34 5.79 5.98 -12.75
CA THR B 34 5.49 5.33 -14.03
C THR B 34 4.62 6.19 -14.97
N ASP B 35 4.07 7.31 -14.47
CA ASP B 35 3.15 8.20 -15.26
C ASP B 35 1.86 7.48 -15.63
N SER B 36 1.50 6.46 -14.86
CA SER B 36 0.26 5.69 -15.14
C SER B 36 -0.51 5.37 -13.88
N VAL B 37 -1.81 5.10 -14.10
CA VAL B 37 -2.74 4.70 -13.02
C VAL B 37 -3.06 3.20 -13.22
N ARG B 38 -2.75 2.38 -12.21
CA ARG B 38 -2.84 0.91 -12.32
C ARG B 38 -3.58 0.28 -11.14
N PRO B 39 -4.12 -0.93 -11.30
CA PRO B 39 -4.78 -1.61 -10.17
C PRO B 39 -3.82 -1.89 -9.05
N THR B 40 -4.33 -1.67 -7.83
CA THR B 40 -3.60 -1.99 -6.57
C THR B 40 -4.53 -2.78 -5.61
N VAL B 41 -3.91 -3.47 -4.66
CA VAL B 41 -4.58 -4.10 -3.53
C VAL B 41 -3.82 -3.72 -2.21
N VAL B 42 -4.37 -4.13 -1.04
CA VAL B 42 -3.80 -3.84 0.29
C VAL B 42 -2.31 -4.23 0.38
N SER B 43 -1.49 -3.28 0.84
CA SER B 43 -0.04 -3.46 1.01
C SER B 43 0.29 -4.09 2.33
N GLN B 44 1.26 -5.04 2.32
CA GLN B 44 1.84 -5.63 3.51
C GLN B 44 3.32 -5.24 3.82
N GLU B 45 4.01 -4.62 2.88
CA GLU B 45 5.38 -4.18 3.04
C GLU B 45 5.56 -2.82 2.36
N PRO B 46 6.52 -1.98 2.78
CA PRO B 46 6.78 -0.71 2.12
C PRO B 46 7.30 -0.83 0.66
N LEU B 47 6.91 0.16 -0.15
CA LEU B 47 7.32 0.32 -1.54
C LEU B 47 8.28 1.52 -1.68
N SER B 48 9.50 1.27 -2.19
CA SER B 48 10.54 2.35 -2.25
C SER B 48 11.03 2.63 -3.66
N ALA B 49 11.24 3.92 -3.92
CA ALA B 49 11.89 4.41 -5.14
C ALA B 49 13.15 5.22 -4.84
N ALA B 50 14.31 4.57 -4.92
CA ALA B 50 15.55 5.21 -4.57
C ALA B 50 15.99 6.20 -5.66
N ASP B 51 16.67 7.30 -5.28
CA ASP B 51 17.28 8.25 -6.26
C ASP B 51 16.19 8.67 -7.27
N TYR B 52 15.05 9.07 -6.76
CA TYR B 52 13.94 9.51 -7.59
C TYR B 52 14.38 10.71 -8.54
N ASP B 53 14.09 10.57 -9.83
CA ASP B 53 14.43 11.58 -10.84
C ASP B 53 15.91 12.00 -10.70
N GLY B 54 16.83 11.14 -10.24
CA GLY B 54 18.21 11.52 -10.13
C GLY B 54 18.55 12.52 -9.01
N SER B 55 17.66 12.69 -8.07
CA SER B 55 17.77 13.74 -7.02
C SER B 55 18.47 13.29 -5.74
N GLY B 56 18.80 12.01 -5.64
CA GLY B 56 19.38 11.42 -4.44
C GLY B 56 18.45 11.11 -3.37
N VAL B 57 17.21 11.54 -3.54
CA VAL B 57 16.12 11.37 -2.52
C VAL B 57 15.35 10.09 -2.83
N THR B 58 15.06 9.28 -1.81
CA THR B 58 14.17 8.11 -1.91
C THR B 58 12.72 8.44 -1.59
N LEU B 59 11.76 7.98 -2.38
CA LEU B 59 10.32 8.05 -2.00
C LEU B 59 9.90 6.69 -1.38
N VAL B 60 9.25 6.71 -0.20
CA VAL B 60 8.77 5.44 0.41
C VAL B 60 7.32 5.50 0.84
N ASP B 61 6.57 4.49 0.41
CA ASP B 61 5.11 4.32 0.75
C ASP B 61 4.98 3.24 1.83
N PHE B 62 4.52 3.63 3.04
CA PHE B 62 4.30 2.65 4.19
C PHE B 62 2.85 2.13 4.28
N PRO B 63 2.63 0.82 4.45
CA PRO B 63 1.26 0.31 4.66
C PRO B 63 0.55 1.05 5.75
N GLY B 64 -0.76 1.19 5.51
CA GLY B 64 -1.63 1.81 6.48
C GLY B 64 -2.33 0.91 7.50
N HIS B 65 -2.24 -0.43 7.41
CA HIS B 65 -2.97 -1.29 8.33
C HIS B 65 -2.49 -1.19 9.84
N VAL B 66 -3.50 -0.95 10.68
CA VAL B 66 -3.19 -0.77 12.14
C VAL B 66 -2.08 -1.66 12.60
N LYS B 67 -2.09 -2.93 12.17
CA LYS B 67 -1.16 -3.99 12.80
C LYS B 67 0.28 -3.88 12.25
N LEU B 68 0.48 -3.06 11.23
CA LEU B 68 1.79 -2.80 10.52
C LEU B 68 2.40 -1.36 10.79
N ARG B 69 1.77 -0.58 11.69
CA ARG B 69 2.20 0.86 11.95
C ARG B 69 3.60 0.94 12.50
N TYR B 70 4.05 -0.12 13.17
CA TYR B 70 5.41 -0.17 13.72
C TYR B 70 6.52 -0.03 12.69
N LYS B 71 6.23 -0.34 11.42
CA LYS B 71 7.25 -0.23 10.36
C LYS B 71 7.63 1.22 10.16
N LEU B 72 6.60 2.11 10.11
CA LEU B 72 6.87 3.54 10.06
C LEU B 72 7.52 4.14 11.27
N SER B 73 7.03 3.75 12.47
CA SER B 73 7.68 4.15 13.75
C SER B 73 9.14 3.76 13.87
N ASP B 74 9.48 2.54 13.49
CA ASP B 74 10.87 2.07 13.57
C ASP B 74 11.77 2.91 12.55
N TYR B 75 11.25 3.18 11.38
CA TYR B 75 11.96 3.94 10.36
C TYR B 75 12.27 5.37 10.84
N LEU B 76 11.29 6.03 11.39
CA LEU B 76 11.51 7.36 12.03
C LEU B 76 12.47 7.33 13.19
N LYS B 77 12.47 6.29 14.00
CA LYS B 77 13.49 6.27 15.06
C LYS B 77 14.91 6.16 14.55
N THR B 78 15.10 5.52 13.40
CA THR B 78 16.43 5.37 12.88
C THR B 78 16.88 6.54 12.00
N ARG B 79 15.93 7.17 11.27
CA ARG B 79 16.25 8.03 10.15
C ARG B 79 15.65 9.45 10.18
N ALA B 80 14.90 9.83 11.22
CA ALA B 80 14.14 11.04 11.19
C ALA B 80 14.98 12.26 10.80
N LYS B 81 16.27 12.29 11.20
CA LYS B 81 17.16 13.46 10.91
C LYS B 81 17.44 13.62 9.36
N PHE B 82 17.07 12.60 8.54
CA PHE B 82 17.40 12.62 7.13
C PHE B 82 16.11 12.71 6.27
N VAL B 83 14.98 12.82 6.95
CA VAL B 83 13.67 12.84 6.27
C VAL B 83 13.30 14.32 5.87
N LYS B 84 13.06 14.57 4.57
CA LYS B 84 12.85 15.93 4.11
C LYS B 84 11.41 16.38 4.19
N GLY B 85 10.45 15.44 4.32
CA GLY B 85 9.05 15.78 4.40
C GLY B 85 8.21 14.49 4.56
N LEU B 86 6.95 14.61 5.07
CA LEU B 86 6.08 13.47 5.18
C LEU B 86 4.70 13.90 4.54
N ILE B 87 4.20 13.06 3.70
CA ILE B 87 2.86 13.19 3.07
C ILE B 87 1.87 12.30 3.79
N PHE B 88 0.86 12.85 4.45
CA PHE B 88 -0.16 12.15 5.17
C PHE B 88 -1.39 12.15 4.26
N MET B 89 -1.71 11.00 3.67
CA MET B 89 -2.79 10.94 2.66
C MET B 89 -4.10 10.51 3.30
N VAL B 90 -5.19 11.14 2.90
CA VAL B 90 -6.57 10.76 3.24
C VAL B 90 -7.54 10.65 2.06
N ASP B 91 -8.52 9.80 2.19
CA ASP B 91 -9.71 9.78 1.25
C ASP B 91 -10.60 10.96 1.66
N SER B 92 -10.76 11.98 0.78
CA SER B 92 -11.56 13.17 1.03
C SER B 92 -13.01 12.92 1.29
N THR B 93 -13.53 11.74 0.91
CA THR B 93 -15.00 11.45 1.07
C THR B 93 -15.37 10.97 2.46
N VAL B 94 -14.38 10.75 3.31
CA VAL B 94 -14.72 10.25 4.65
C VAL B 94 -15.43 11.32 5.41
N ASP B 95 -16.46 10.92 6.20
CA ASP B 95 -17.31 11.85 7.01
C ASP B 95 -16.32 12.53 8.01
N PRO B 96 -16.23 13.86 7.97
CA PRO B 96 -15.35 14.61 8.86
C PRO B 96 -15.75 14.57 10.36
N LYS B 97 -16.97 14.14 10.67
CA LYS B 97 -17.33 13.74 12.06
C LYS B 97 -16.95 12.29 12.50
N LYS B 98 -16.25 11.55 11.59
CA LYS B 98 -15.76 10.16 11.86
C LYS B 98 -14.28 9.97 11.65
N LEU B 99 -13.49 10.90 12.22
CA LEU B 99 -12.06 10.93 12.01
C LEU B 99 -11.22 10.48 13.19
N THR B 100 -11.82 9.86 14.18
CA THR B 100 -11.02 9.46 15.39
C THR B 100 -9.76 8.62 15.08
N THR B 101 -9.93 7.50 14.39
CA THR B 101 -8.77 6.63 14.05
C THR B 101 -7.73 7.36 13.23
N THR B 102 -8.15 8.26 12.34
CA THR B 102 -7.20 8.98 11.48
C THR B 102 -6.43 10.00 12.31
N ALA B 103 -7.13 10.75 13.14
CA ALA B 103 -6.49 11.66 14.07
C ALA B 103 -5.52 10.98 15.05
N GLU B 104 -5.83 9.80 15.57
CA GLU B 104 -4.89 9.08 16.45
C GLU B 104 -3.56 8.77 15.67
N PHE B 105 -3.65 8.30 14.46
CA PHE B 105 -2.49 8.02 13.58
C PHE B 105 -1.68 9.30 13.44
N LEU B 106 -2.36 10.41 13.01
CA LEU B 106 -1.60 11.65 12.77
C LEU B 106 -0.89 12.20 14.03
N VAL B 107 -1.55 12.11 15.21
CA VAL B 107 -0.91 12.67 16.39
C VAL B 107 0.26 11.76 16.90
N ASP B 108 0.12 10.46 16.71
CA ASP B 108 1.20 9.55 16.92
C ASP B 108 2.45 9.81 16.01
N ILE B 109 2.24 10.17 14.79
CA ILE B 109 3.36 10.57 13.81
C ILE B 109 4.04 11.87 14.38
N LEU B 110 3.19 12.91 14.71
CA LEU B 110 3.67 14.26 15.10
C LEU B 110 4.46 14.18 16.40
N SER B 111 4.07 13.28 17.20
CA SER B 111 4.85 13.17 18.55
C SER B 111 6.33 12.81 18.27
N ILE B 112 6.51 11.93 17.29
CA ILE B 112 7.84 11.51 16.86
C ILE B 112 8.58 12.60 16.00
N THR B 113 7.93 13.14 15.01
CA THR B 113 8.56 14.11 14.01
C THR B 113 8.98 15.40 14.77
N GLU B 114 8.20 15.91 15.73
CA GLU B 114 8.46 17.17 16.36
C GLU B 114 9.56 16.99 17.40
N SER B 115 9.64 15.79 17.96
CA SER B 115 10.61 15.57 19.02
C SER B 115 11.95 14.99 18.57
N SER B 116 11.98 14.46 17.36
CA SER B 116 13.24 13.74 16.91
C SER B 116 14.12 14.68 16.08
N CYS B 117 13.52 15.86 15.65
CA CYS B 117 14.27 16.92 14.92
C CYS B 117 14.19 18.32 15.57
N GLU B 118 15.27 19.15 15.50
CA GLU B 118 15.15 20.56 15.93
C GLU B 118 13.92 21.47 15.45
N ASN B 119 13.60 21.35 14.14
CA ASN B 119 12.55 22.14 13.54
C ASN B 119 11.39 21.28 13.04
N GLY B 120 11.34 20.05 13.53
CA GLY B 120 10.29 19.14 13.11
C GLY B 120 10.46 18.70 11.64
N ILE B 121 9.51 17.97 11.16
CA ILE B 121 9.39 17.57 9.72
C ILE B 121 8.13 18.12 9.11
N ASP B 122 8.27 18.86 7.96
CA ASP B 122 7.13 19.40 7.24
C ASP B 122 6.15 18.30 6.82
N ILE B 123 4.81 18.61 6.86
CA ILE B 123 3.75 17.71 6.61
C ILE B 123 2.83 18.31 5.47
N LEU B 124 2.55 17.47 4.49
CA LEU B 124 1.51 17.72 3.46
C LEU B 124 0.34 16.81 3.82
N ILE B 125 -0.84 17.38 4.12
CA ILE B 125 -2.08 16.58 4.22
C ILE B 125 -2.74 16.49 2.79
N ALA B 126 -2.50 15.35 2.11
CA ALA B 126 -2.89 15.13 0.71
C ALA B 126 -4.32 14.57 0.66
N CYS B 127 -5.25 15.41 0.31
CA CYS B 127 -6.68 15.10 0.34
C CYS B 127 -7.09 14.55 -1.03
N ASN B 128 -7.00 13.20 -1.17
CA ASN B 128 -7.22 12.52 -2.48
C ASN B 128 -8.69 12.23 -2.81
N LYS B 129 -8.89 11.89 -4.08
CA LYS B 129 -10.22 11.55 -4.61
C LYS B 129 -11.15 12.78 -4.83
N SER B 130 -10.52 13.90 -5.16
CA SER B 130 -11.19 15.22 -5.29
C SER B 130 -12.35 15.26 -6.34
N GLU B 131 -12.30 14.34 -7.27
CA GLU B 131 -13.32 14.28 -8.39
C GLU B 131 -14.61 13.68 -7.89
N LEU B 132 -14.65 12.99 -6.73
CA LEU B 132 -15.87 12.36 -6.25
C LEU B 132 -16.84 13.39 -5.67
N PHE B 133 -18.16 13.17 -5.94
CA PHE B 133 -19.25 14.10 -5.51
C PHE B 133 -19.22 14.53 -4.05
N THR B 134 -18.86 13.52 -3.17
CA THR B 134 -18.93 13.72 -1.73
C THR B 134 -17.53 14.04 -1.20
N ALA B 135 -16.56 14.36 -2.04
CA ALA B 135 -15.26 14.87 -1.52
C ALA B 135 -15.40 16.14 -0.73
N ARG B 136 -14.86 16.19 0.50
CA ARG B 136 -14.93 17.42 1.29
C ARG B 136 -13.74 18.39 1.02
N PRO B 137 -13.95 19.70 1.20
CA PRO B 137 -12.85 20.66 0.93
C PRO B 137 -11.61 20.43 1.89
N PRO B 138 -10.38 20.61 1.38
CA PRO B 138 -9.16 20.35 2.18
C PRO B 138 -9.04 21.20 3.46
N SER B 139 -9.49 22.47 3.43
CA SER B 139 -9.46 23.31 4.64
C SER B 139 -10.44 22.77 5.72
N LYS B 140 -11.58 22.21 5.31
CA LYS B 140 -12.54 21.56 6.25
C LYS B 140 -12.01 20.26 6.86
N ILE B 141 -11.33 19.46 6.04
CA ILE B 141 -10.66 18.24 6.56
C ILE B 141 -9.62 18.63 7.56
N LYS B 142 -8.76 19.60 7.25
CA LYS B 142 -7.67 19.99 8.17
C LYS B 142 -8.24 20.49 9.49
N ASP B 143 -9.29 21.30 9.40
CA ASP B 143 -9.89 21.87 10.61
C ASP B 143 -10.51 20.78 11.45
N ALA B 144 -11.15 19.79 10.81
CA ALA B 144 -11.73 18.67 11.51
C ALA B 144 -10.67 17.76 12.22
N LEU B 145 -9.58 17.49 11.52
CA LEU B 145 -8.48 16.70 12.11
C LEU B 145 -7.94 17.43 13.37
N GLU B 146 -7.76 18.75 13.29
CA GLU B 146 -7.17 19.57 14.39
C GLU B 146 -8.09 19.45 15.61
N SER B 147 -9.36 19.65 15.40
CA SER B 147 -10.38 19.48 16.47
C SER B 147 -10.37 18.09 17.10
N GLU B 148 -10.31 17.05 16.26
CA GLU B 148 -10.36 15.71 16.76
C GLU B 148 -9.02 15.40 17.49
N ILE B 149 -7.87 15.92 17.04
CA ILE B 149 -6.62 15.67 17.75
C ILE B 149 -6.72 16.25 19.18
N GLN B 150 -7.31 17.43 19.33
CA GLN B 150 -7.49 17.97 20.72
C GLN B 150 -8.31 16.99 21.60
N LYS B 151 -9.42 16.45 21.08
CA LYS B 151 -10.19 15.42 21.79
C LYS B 151 -9.45 14.14 22.11
N VAL B 152 -8.54 13.70 21.21
CA VAL B 152 -7.75 12.50 21.50
C VAL B 152 -6.79 12.71 22.63
N ILE B 153 -6.14 13.89 22.63
CA ILE B 153 -5.19 14.23 23.71
C ILE B 153 -5.88 14.34 25.10
N GLU B 154 -7.08 14.92 25.12
CA GLU B 154 -7.84 15.04 26.39
C GLU B 154 -8.26 13.68 26.87
N ARG B 155 -8.68 12.79 25.98
CA ARG B 155 -9.13 11.44 26.36
C ARG B 155 -7.92 10.69 26.97
N ARG B 156 -6.75 10.83 26.37
CA ARG B 156 -5.59 10.09 26.82
C ARG B 156 -5.11 10.65 28.16
N LYS B 157 -5.27 11.96 28.37
CA LYS B 157 -4.89 12.57 29.66
C LYS B 157 -5.82 12.11 30.79
N LYS B 158 -7.12 12.00 30.51
CA LYS B 158 -8.09 11.65 31.54
C LYS B 158 -7.93 10.17 31.94
N SER B 159 -7.61 9.33 30.95
CA SER B 159 -7.36 7.92 31.23
C SER B 159 -6.11 7.69 32.11
N LEU B 160 -5.09 8.53 31.92
CA LEU B 160 -3.83 8.40 32.63
C LEU B 160 -3.94 8.77 34.10
N ASN B 161 -4.85 9.69 34.41
CA ASN B 161 -5.18 10.03 35.79
C ASN B 161 -5.98 8.94 36.49
N GLU B 162 -6.86 8.25 35.74
CA GLU B 162 -7.64 7.15 36.29
C GLU B 162 -6.71 6.01 36.73
N LEU B 177 2.99 12.87 24.52
CA LEU B 177 2.47 14.02 23.79
C LEU B 177 2.86 15.38 24.40
N ASP B 178 3.86 15.41 25.30
CA ASP B 178 4.26 16.67 25.95
C ASP B 178 4.99 17.61 25.00
N VAL B 179 5.65 17.05 23.96
CA VAL B 179 6.22 17.83 22.87
C VAL B 179 5.11 18.64 22.15
N LEU B 180 3.84 18.18 22.25
CA LEU B 180 2.65 18.94 21.80
C LEU B 180 1.82 19.34 23.03
N GLY B 185 -5.19 24.87 23.50
CA GLY B 185 -5.34 23.48 23.05
C GLY B 185 -4.38 23.13 21.90
N PHE B 186 -4.61 22.00 21.23
CA PHE B 186 -3.79 21.64 20.06
C PHE B 186 -4.13 22.51 18.85
N LYS B 187 -3.09 23.06 18.20
CA LYS B 187 -3.23 23.75 16.94
C LYS B 187 -2.06 23.45 15.98
N PHE B 188 -2.34 23.15 14.70
CA PHE B 188 -1.27 22.85 13.73
C PHE B 188 -0.29 24.06 13.65
N ALA B 189 -0.81 25.29 13.75
CA ALA B 189 0.06 26.45 13.62
C ALA B 189 1.12 26.57 14.69
N ASN B 190 0.91 25.97 15.85
CA ASN B 190 1.85 26.09 16.95
C ASN B 190 3.04 25.07 16.92
N LEU B 191 2.99 24.16 16.00
CA LEU B 191 4.08 23.18 15.69
C LEU B 191 5.26 23.91 15.09
N GLU B 192 6.48 23.39 15.27
CA GLU B 192 7.66 23.97 14.65
C GLU B 192 7.66 23.76 13.13
N ALA B 193 7.27 22.59 12.67
CA ALA B 193 7.19 22.29 11.21
C ALA B 193 5.95 22.98 10.61
N SER B 194 6.01 23.21 9.31
CA SER B 194 4.81 23.63 8.55
C SER B 194 3.84 22.51 8.21
N VAL B 195 2.54 22.80 8.22
CA VAL B 195 1.50 21.81 7.87
C VAL B 195 0.52 22.42 6.84
N VAL B 196 0.50 21.90 5.64
CA VAL B 196 -0.39 22.40 4.53
C VAL B 196 -1.30 21.28 4.06
N ALA B 197 -2.53 21.69 3.67
CA ALA B 197 -3.51 20.75 3.17
C ALA B 197 -3.91 21.19 1.73
N PHE B 198 -3.76 20.26 0.79
CA PHE B 198 -4.19 20.46 -0.63
C PHE B 198 -5.00 19.28 -1.22
N GLU B 199 -6.00 19.57 -2.05
CA GLU B 199 -6.75 18.51 -2.74
C GLU B 199 -5.88 17.94 -3.90
N GLY B 200 -6.30 16.76 -4.37
CA GLY B 200 -5.69 16.09 -5.52
C GLY B 200 -6.69 14.98 -6.01
N SER B 201 -6.39 14.54 -7.23
CA SER B 201 -7.01 13.33 -7.81
C SER B 201 -6.03 12.54 -8.60
N ILE B 202 -5.61 11.40 -8.10
CA ILE B 202 -4.73 10.48 -8.83
C ILE B 202 -5.40 9.98 -10.11
N ASN B 203 -6.68 9.52 -10.04
CA ASN B 203 -7.39 8.98 -11.18
C ASN B 203 -7.54 9.97 -12.38
N LYS B 204 -7.68 11.26 -12.07
CA LYS B 204 -7.75 12.32 -13.09
C LYS B 204 -6.39 12.98 -13.41
N ARG B 205 -5.31 12.43 -12.80
CA ARG B 205 -4.00 13.00 -13.06
C ARG B 205 -3.95 14.52 -12.78
N LYS B 206 -4.51 14.90 -11.61
CA LYS B 206 -4.63 16.29 -11.17
C LYS B 206 -3.98 16.40 -9.75
N ILE B 207 -2.67 16.52 -9.76
CA ILE B 207 -1.97 16.51 -8.44
C ILE B 207 -0.86 17.62 -8.42
N SER B 208 -1.10 18.70 -9.30
CA SER B 208 -0.04 19.71 -9.46
C SER B 208 0.44 20.35 -8.07
N GLN B 209 -0.46 20.58 -7.09
CA GLN B 209 0.01 21.26 -5.86
C GLN B 209 0.83 20.26 -5.04
N TRP B 210 0.48 18.99 -5.08
CA TRP B 210 1.33 17.98 -4.45
C TRP B 210 2.69 17.87 -5.10
N ARG B 211 2.76 17.94 -6.39
CA ARG B 211 4.03 17.85 -7.13
C ARG B 211 4.94 19.12 -6.89
N GLU B 212 4.32 20.27 -6.72
CA GLU B 212 5.07 21.48 -6.32
C GLU B 212 5.67 21.31 -4.88
N TRP B 213 4.89 20.71 -3.98
CA TRP B 213 5.39 20.58 -2.63
C TRP B 213 6.61 19.62 -2.63
N ILE B 214 6.47 18.49 -3.35
CA ILE B 214 7.55 17.54 -3.51
C ILE B 214 8.79 18.19 -4.10
N ASP B 215 8.59 19.01 -5.17
CA ASP B 215 9.73 19.68 -5.85
C ASP B 215 10.49 20.69 -4.91
N GLU B 216 9.81 21.31 -3.95
CA GLU B 216 10.40 22.13 -2.86
C GLU B 216 11.30 21.28 -1.93
N LYS B 217 10.82 20.09 -1.56
CA LYS B 217 11.48 19.18 -0.54
C LYS B 217 12.63 18.35 -1.18
N LEU B 218 12.75 18.30 -2.51
CA LEU B 218 13.80 17.53 -3.26
C LEU B 218 15.10 18.33 -3.30
#